data_9EQH
#
_entry.id   9EQH
#
_cell.length_a   44.009
_cell.length_b   90.27
_cell.length_c   111.177
_cell.angle_alpha   90
_cell.angle_beta   90
_cell.angle_gamma   90
#
_symmetry.space_group_name_H-M   'P 21 21 21'
#
loop_
_entity.id
_entity.type
_entity.pdbx_description
1 polymer 'Isoform 2 of NEDD4-like E3 ubiquitin-protein ligase WWP2'
2 non-polymer GLYCEROL
3 non-polymer 'SODIUM ION'
4 water water
#
_entity_poly.entity_id   1
_entity_poly.type   'polypeptide(L)'
_entity_poly.pdbx_seq_one_letter_code
;GPGWEKRTDPRGRFYYVDHNTRTTTWQRPTAEYVRNYEQWQSQRNQLQGAMQHFSQRFLYQSSSASQGSPGAYDRSFRWK
YHQFRFLCHSNALPSHVKISVSRQTLFEDSFQQIMNMKPYDLRRRLYIIMRGEEGLDYGGIAREWFFLLSHEVLNPMYCL
FEYAGKNNYCLQINPASSINPDHLTYFRFIGRFIAMALYHGKFIDTGFTLPFYKRMLNKRPTLKDLESIDPEFYNSIVWI
KENNLEECGLELYFIQDMEILGKVTTHELKEGGESIRVTEENKEEYIMLLTDWRFTRGVEEQTKAFLDGFNEVAPLEWLR
YFDEKELELMLCGMQEIDMSDWQKSTIYRHYTKNSKQIQWFWQVVKEMDNEKRIRLLQFVTGTCRLPVGGFAELIGSNGP
QKFCIDKVGKETWLPRSHTCFNRLDLPPYKSYEQLREKLLYAIEETE
;
_entity_poly.pdbx_strand_id   A
#
loop_
_chem_comp.id
_chem_comp.type
_chem_comp.name
_chem_comp.formula
GOL non-polymer GLYCEROL 'C3 H8 O3'
NA non-polymer 'SODIUM ION' 'Na 1'
#
# COMPACT_ATOMS: atom_id res chain seq x y z
N TRP A 26 19.80 -2.02 16.59
CA TRP A 26 18.79 -1.73 17.64
C TRP A 26 17.95 -2.97 18.02
N GLN A 27 17.60 -3.89 17.07
CA GLN A 27 16.67 -5.01 17.33
C GLN A 27 17.34 -6.08 18.20
N ARG A 28 16.63 -6.52 19.27
CA ARG A 28 17.04 -7.62 20.14
C ARG A 28 17.23 -8.91 19.34
N PRO A 29 18.31 -9.74 19.51
CA PRO A 29 18.61 -10.80 18.54
C PRO A 29 17.74 -12.05 18.78
N THR A 30 16.44 -11.96 18.40
CA THR A 30 15.42 -13.01 18.63
C THR A 30 15.33 -13.93 17.41
N ALA A 31 14.38 -14.90 17.48
CA ALA A 31 14.11 -15.89 16.45
C ALA A 31 13.45 -15.31 15.21
N GLU A 32 12.53 -14.35 15.42
CA GLU A 32 11.82 -13.68 14.34
C GLU A 32 12.79 -12.72 13.62
N TYR A 33 13.54 -11.90 14.40
CA TYR A 33 14.48 -10.93 13.89
C TYR A 33 15.46 -11.54 12.89
N VAL A 34 16.10 -12.66 13.27
CA VAL A 34 17.04 -13.39 12.42
C VAL A 34 16.38 -13.99 11.18
N ARG A 35 15.17 -14.57 11.34
CA ARG A 35 14.31 -15.03 10.24
C ARG A 35 14.07 -13.87 9.25
N ASN A 36 13.67 -12.70 9.79
CA ASN A 36 13.43 -11.48 9.03
C ASN A 36 14.70 -10.94 8.37
N TYR A 37 15.83 -11.01 9.09
CA TYR A 37 17.11 -10.50 8.59
C TYR A 37 17.45 -11.20 7.27
N GLU A 38 17.44 -12.54 7.30
CA GLU A 38 17.68 -13.42 6.16
C GLU A 38 16.75 -13.10 4.98
N GLN A 39 15.43 -13.11 5.23
CA GLN A 39 14.41 -12.83 4.22
C GLN A 39 14.67 -11.49 3.48
N TRP A 40 15.12 -10.46 4.23
CA TRP A 40 15.51 -9.16 3.68
C TRP A 40 16.85 -9.22 2.93
N GLN A 41 17.77 -10.12 3.34
CA GLN A 41 19.04 -10.33 2.65
C GLN A 41 18.83 -10.95 1.27
N SER A 42 17.98 -11.97 1.19
CA SER A 42 17.54 -12.59 -0.06
C SER A 42 16.86 -11.59 -1.00
N GLN A 43 16.12 -10.61 -0.45
CA GLN A 43 15.66 -9.44 -1.20
C GLN A 43 16.84 -8.70 -1.86
N ARG A 44 17.95 -8.52 -1.12
CA ARG A 44 19.15 -7.86 -1.64
C ARG A 44 19.81 -8.64 -2.79
N ASN A 45 19.87 -9.97 -2.68
CA ASN A 45 20.30 -10.85 -3.76
C ASN A 45 19.31 -10.84 -4.94
N GLN A 46 18.00 -10.64 -4.68
CA GLN A 46 17.00 -10.47 -5.74
C GLN A 46 16.92 -9.02 -6.27
N LEU A 47 17.60 -8.04 -5.63
CA LEU A 47 17.42 -6.60 -5.80
C LEU A 47 17.88 -6.19 -7.21
N GLN A 48 19.06 -6.67 -7.63
CA GLN A 48 19.75 -6.27 -8.85
C GLN A 48 18.86 -6.59 -10.06
N GLY A 49 18.45 -7.85 -10.20
CA GLY A 49 17.61 -8.31 -11.29
C GLY A 49 16.26 -7.57 -11.38
N ALA A 50 15.61 -7.38 -10.21
CA ALA A 50 14.33 -6.71 -10.09
C ALA A 50 14.34 -5.26 -10.55
N MET A 51 15.52 -4.58 -10.57
CA MET A 51 15.56 -3.18 -10.97
C MET A 51 15.49 -2.99 -12.48
N GLN A 52 15.80 -4.03 -13.26
CA GLN A 52 15.58 -4.01 -14.70
C GLN A 52 14.08 -4.03 -14.97
N HIS A 53 13.37 -4.96 -14.31
CA HIS A 53 11.90 -4.98 -14.27
C HIS A 53 11.32 -3.61 -13.83
N PHE A 54 11.87 -3.06 -12.74
CA PHE A 54 11.44 -1.80 -12.15
C PHE A 54 11.58 -0.62 -13.11
N SER A 55 12.58 -0.67 -14.00
CA SER A 55 12.81 0.36 -15.01
C SER A 55 11.68 0.49 -16.03
N GLN A 56 10.80 -0.50 -16.18
CA GLN A 56 9.71 -0.48 -17.15
C GLN A 56 8.42 0.14 -16.59
N ARG A 57 8.41 0.62 -15.33
CA ARG A 57 7.26 1.26 -14.70
C ARG A 57 7.10 2.63 -15.37
N PHE A 58 5.88 3.10 -15.60
CA PHE A 58 5.64 4.41 -16.21
C PHE A 58 4.37 5.02 -15.61
N LEU A 59 4.19 6.35 -15.81
CA LEU A 59 2.91 7.03 -15.70
C LEU A 59 2.58 7.77 -17.02
N TYR A 60 2.69 9.11 -17.07
CA TYR A 60 2.26 9.90 -18.23
C TYR A 60 3.32 10.92 -18.52
N GLN A 61 3.56 11.19 -19.82
CA GLN A 61 4.38 12.29 -20.30
C GLN A 61 3.85 13.59 -19.69
N SER A 62 4.75 14.47 -19.17
CA SER A 62 4.45 15.82 -18.70
C SER A 62 3.39 16.51 -19.56
N SER A 63 2.45 17.24 -18.92
CA SER A 63 1.52 18.13 -19.62
C SER A 63 2.29 19.19 -20.41
N SER A 64 1.92 19.38 -21.69
CA SER A 64 2.61 20.27 -22.63
C SER A 64 1.86 21.60 -22.80
N ALA A 65 1.15 22.08 -21.75
CA ALA A 65 0.22 23.21 -21.81
C ALA A 65 0.93 24.49 -21.32
N SER A 66 0.18 25.46 -20.75
CA SER A 66 0.73 26.69 -20.16
C SER A 66 1.39 26.40 -18.81
N GLN A 67 2.73 26.27 -18.78
CA GLN A 67 3.54 25.93 -17.61
C GLN A 67 3.13 24.57 -17.03
N GLY A 68 2.83 23.59 -17.92
CA GLY A 68 2.23 22.31 -17.56
C GLY A 68 0.86 22.42 -16.87
N SER A 69 -0.05 23.30 -17.37
CA SER A 69 -1.41 23.42 -16.86
C SER A 69 -2.16 22.10 -17.10
N PRO A 70 -2.96 21.57 -16.14
CA PRO A 70 -3.66 20.28 -16.37
C PRO A 70 -4.83 20.28 -17.37
N GLY A 71 -5.42 21.46 -17.65
CA GLY A 71 -6.62 21.58 -18.46
C GLY A 71 -7.90 21.52 -17.62
N ALA A 72 -9.03 21.24 -18.29
CA ALA A 72 -10.35 21.20 -17.68
C ALA A 72 -10.63 19.84 -17.04
N TYR A 73 -11.34 19.86 -15.90
CA TYR A 73 -11.44 18.74 -14.99
C TYR A 73 -12.30 17.65 -15.59
N ASP A 74 -11.83 16.38 -15.64
CA ASP A 74 -12.59 15.29 -16.23
C ASP A 74 -12.68 14.05 -15.34
N ARG A 75 -12.38 14.13 -14.02
CA ARG A 75 -12.39 12.95 -13.15
C ARG A 75 -11.31 11.87 -13.46
N SER A 76 -10.50 11.94 -14.52
CA SER A 76 -9.58 10.87 -14.87
C SER A 76 -8.37 10.94 -13.94
N PHE A 77 -7.70 9.80 -13.78
CA PHE A 77 -6.40 9.73 -13.14
C PHE A 77 -5.33 10.61 -13.85
N ARG A 78 -5.31 10.55 -15.18
CA ARG A 78 -4.45 11.42 -16.00
C ARG A 78 -4.53 12.89 -15.58
N TRP A 79 -5.76 13.41 -15.49
CA TRP A 79 -5.97 14.79 -15.09
C TRP A 79 -5.41 15.01 -13.69
N LYS A 80 -5.69 14.09 -12.77
CA LYS A 80 -5.19 14.25 -11.41
C LYS A 80 -3.65 14.24 -11.36
N TYR A 81 -3.03 13.35 -12.15
CA TYR A 81 -1.58 13.24 -12.23
C TYR A 81 -0.99 14.58 -12.66
N HIS A 82 -1.52 15.11 -13.78
CA HIS A 82 -1.07 16.36 -14.39
C HIS A 82 -1.35 17.48 -13.43
N GLN A 83 -2.53 17.45 -12.80
CA GLN A 83 -2.86 18.47 -11.83
C GLN A 83 -1.86 18.51 -10.71
N PHE A 84 -1.55 17.32 -10.14
CA PHE A 84 -0.58 17.23 -9.05
C PHE A 84 0.84 17.66 -9.48
N ARG A 85 1.31 17.19 -10.64
CA ARG A 85 2.61 17.62 -11.18
C ARG A 85 2.70 19.15 -11.31
N PHE A 86 1.60 19.76 -11.86
CA PHE A 86 1.48 21.21 -12.00
C PHE A 86 1.81 21.87 -10.68
N LEU A 87 1.14 21.48 -9.58
CA LEU A 87 1.43 22.05 -8.26
C LEU A 87 2.90 21.90 -7.88
N CYS A 88 3.50 20.71 -8.13
CA CYS A 88 4.92 20.48 -7.82
C CYS A 88 5.79 21.48 -8.60
N HIS A 89 5.60 21.56 -9.93
CA HIS A 89 6.33 22.47 -10.82
C HIS A 89 6.17 23.91 -10.27
N SER A 90 4.91 24.36 -10.18
CA SER A 90 4.52 25.68 -9.69
C SER A 90 5.19 26.12 -8.39
N ASN A 91 5.33 25.23 -7.41
CA ASN A 91 5.84 25.56 -6.08
C ASN A 91 7.32 25.24 -5.89
N ALA A 92 7.96 24.63 -6.90
CA ALA A 92 9.35 24.20 -6.81
C ALA A 92 10.23 25.44 -6.71
N LEU A 93 11.16 25.44 -5.74
CA LEU A 93 12.25 26.41 -5.68
C LEU A 93 13.15 26.19 -6.90
N PRO A 94 13.94 27.20 -7.36
CA PRO A 94 14.74 27.02 -8.58
C PRO A 94 16.01 26.29 -8.19
N SER A 95 16.95 26.22 -9.15
CA SER A 95 18.32 25.80 -8.94
C SER A 95 18.26 24.27 -8.82
N HIS A 96 18.87 23.67 -7.80
CA HIS A 96 19.02 22.22 -7.74
C HIS A 96 19.56 21.87 -6.37
N VAL A 97 19.40 20.59 -6.02
CA VAL A 97 20.02 20.10 -4.81
C VAL A 97 20.74 18.76 -5.08
N LYS A 98 21.93 18.64 -4.47
CA LYS A 98 22.85 17.53 -4.65
C LYS A 98 22.78 16.69 -3.38
N ILE A 99 22.35 15.42 -3.52
CA ILE A 99 22.42 14.43 -2.45
C ILE A 99 23.58 13.51 -2.82
N SER A 100 24.62 13.45 -1.95
CA SER A 100 25.86 12.71 -2.16
C SER A 100 25.88 11.49 -1.23
N VAL A 101 25.92 10.29 -1.81
CA VAL A 101 25.81 9.06 -1.02
C VAL A 101 26.77 8.03 -1.59
N SER A 102 27.14 7.03 -0.74
CA SER A 102 27.87 5.86 -1.20
C SER A 102 26.92 4.65 -1.31
N ARG A 103 27.12 3.81 -2.35
CA ARG A 103 26.27 2.69 -2.70
C ARG A 103 26.09 1.75 -1.50
N GLN A 104 27.09 1.68 -0.58
CA GLN A 104 27.10 0.69 0.48
C GLN A 104 26.69 1.28 1.83
N THR A 105 26.56 2.60 1.97
CA THR A 105 26.00 3.23 3.16
C THR A 105 24.80 4.12 2.81
N LEU A 106 23.95 3.63 1.90
CA LEU A 106 22.98 4.43 1.21
C LEU A 106 21.92 4.99 2.15
N PHE A 107 21.42 4.12 3.05
CA PHE A 107 20.48 4.53 4.08
C PHE A 107 21.06 5.65 4.95
N GLU A 108 22.18 5.39 5.60
CA GLU A 108 22.79 6.31 6.55
C GLU A 108 23.18 7.64 5.88
N ASP A 109 23.70 7.58 4.63
CA ASP A 109 24.14 8.77 3.92
C ASP A 109 22.93 9.61 3.48
N SER A 110 21.88 8.97 2.94
CA SER A 110 20.62 9.63 2.57
C SER A 110 19.98 10.31 3.77
N PHE A 111 19.92 9.57 4.89
CA PHE A 111 19.29 10.04 6.11
C PHE A 111 19.99 11.30 6.62
N GLN A 112 21.32 11.27 6.72
CA GLN A 112 22.09 12.44 7.17
C GLN A 112 21.88 13.67 6.26
N GLN A 113 21.98 13.50 4.94
CA GLN A 113 21.83 14.58 3.96
C GLN A 113 20.43 15.24 3.97
N ILE A 114 19.36 14.41 3.95
CA ILE A 114 17.99 14.83 3.70
C ILE A 114 17.49 15.48 4.99
N MET A 115 17.85 14.91 6.17
CA MET A 115 17.44 15.43 7.46
C MET A 115 18.24 16.65 7.95
N ASN A 116 19.34 17.02 7.28
CA ASN A 116 20.02 18.28 7.55
C ASN A 116 19.65 19.34 6.51
N MET A 117 18.73 19.06 5.59
CA MET A 117 18.21 20.09 4.71
C MET A 117 16.87 20.60 5.18
N LYS A 118 16.65 21.88 4.89
CA LYS A 118 15.34 22.49 5.00
C LYS A 118 14.42 21.82 3.97
N PRO A 119 13.21 21.42 4.37
CA PRO A 119 12.36 20.63 3.48
C PRO A 119 11.97 21.22 2.15
N TYR A 120 11.73 22.55 2.12
CA TYR A 120 11.57 23.30 0.88
C TYR A 120 12.71 23.09 -0.12
N ASP A 121 13.98 23.00 0.34
CA ASP A 121 15.09 22.75 -0.58
C ASP A 121 15.05 21.37 -1.25
N LEU A 122 14.32 20.40 -0.66
CA LEU A 122 14.08 19.11 -1.30
C LEU A 122 13.16 19.18 -2.52
N ARG A 123 12.49 20.32 -2.79
CA ARG A 123 11.65 20.49 -3.96
C ARG A 123 12.43 21.00 -5.18
N ARG A 124 13.69 21.47 -4.98
CA ARG A 124 14.55 21.84 -6.10
C ARG A 124 14.89 20.57 -6.86
N ARG A 125 15.26 20.71 -8.15
CA ARG A 125 15.70 19.62 -9.03
C ARG A 125 16.73 18.74 -8.30
N LEU A 126 16.58 17.42 -8.45
CA LEU A 126 17.22 16.49 -7.54
C LEU A 126 18.40 15.84 -8.27
N TYR A 127 19.63 16.05 -7.81
CA TYR A 127 20.81 15.36 -8.37
C TYR A 127 21.35 14.36 -7.35
N ILE A 128 21.27 13.05 -7.65
CA ILE A 128 21.90 12.01 -6.83
C ILE A 128 23.32 11.81 -7.38
N ILE A 129 24.35 12.08 -6.54
CA ILE A 129 25.75 11.78 -6.85
C ILE A 129 26.14 10.50 -6.04
N MET A 130 26.18 9.35 -6.75
CA MET A 130 26.74 8.10 -6.28
C MET A 130 28.28 8.24 -6.23
N ARG A 131 28.82 8.35 -5.02
CA ARG A 131 30.25 8.54 -4.75
C ARG A 131 31.12 7.56 -5.53
N GLY A 132 32.09 8.10 -6.30
CA GLY A 132 32.99 7.34 -7.13
C GLY A 132 32.39 6.74 -8.39
N GLU A 133 31.10 7.02 -8.72
CA GLU A 133 30.50 6.50 -9.93
C GLU A 133 30.21 7.73 -10.78
N GLU A 134 30.72 7.74 -11.98
CA GLU A 134 30.35 8.78 -12.93
C GLU A 134 29.52 8.04 -13.95
N GLY A 135 29.31 8.64 -15.10
CA GLY A 135 28.15 8.35 -15.88
C GLY A 135 27.10 9.42 -15.57
N LEU A 136 26.37 9.70 -16.65
CA LEU A 136 25.41 10.77 -16.70
C LEU A 136 24.07 10.01 -16.64
N ASP A 137 23.02 10.55 -17.25
CA ASP A 137 21.67 10.05 -17.04
C ASP A 137 21.46 10.04 -15.53
N TYR A 138 21.45 11.27 -15.01
CA TYR A 138 21.13 11.61 -13.63
C TYR A 138 19.69 11.23 -13.29
N GLY A 139 18.82 11.05 -14.29
CA GLY A 139 17.49 10.48 -14.11
C GLY A 139 17.55 8.99 -13.76
N GLY A 140 18.28 8.22 -14.62
CA GLY A 140 18.73 6.85 -14.37
C GLY A 140 19.23 6.66 -12.94
N ILE A 141 20.09 7.57 -12.49
CA ILE A 141 20.76 7.40 -11.19
C ILE A 141 19.73 7.71 -10.11
N ALA A 142 18.96 8.82 -10.26
CA ALA A 142 17.92 9.17 -9.31
C ALA A 142 16.91 8.03 -9.20
N ARG A 143 16.46 7.46 -10.31
CA ARG A 143 15.54 6.33 -10.25
C ARG A 143 16.06 5.12 -9.47
N GLU A 144 17.35 4.78 -9.65
CA GLU A 144 17.96 3.66 -8.95
C GLU A 144 18.03 3.93 -7.44
N TRP A 145 18.37 5.15 -7.08
CA TRP A 145 18.51 5.51 -5.69
C TRP A 145 17.17 5.42 -4.98
N PHE A 146 16.10 5.91 -5.64
CA PHE A 146 14.76 5.83 -5.09
C PHE A 146 14.37 4.36 -4.89
N PHE A 147 14.58 3.53 -5.93
CA PHE A 147 14.31 2.11 -5.86
C PHE A 147 15.07 1.51 -4.69
N LEU A 148 16.41 1.67 -4.66
CA LEU A 148 17.23 0.99 -3.66
C LEU A 148 16.93 1.51 -2.25
N LEU A 149 16.82 2.87 -2.08
CA LEU A 149 16.49 3.43 -0.77
C LEU A 149 15.14 2.92 -0.25
N SER A 150 14.17 2.68 -1.14
CA SER A 150 12.82 2.23 -0.82
C SER A 150 12.80 0.80 -0.30
N HIS A 151 13.79 -0.05 -0.66
CA HIS A 151 14.03 -1.34 -0.01
C HIS A 151 14.89 -1.24 1.24
N GLU A 152 15.90 -0.36 1.22
CA GLU A 152 16.84 -0.23 2.34
C GLU A 152 16.16 0.11 3.67
N VAL A 153 15.10 0.95 3.63
CA VAL A 153 14.35 1.33 4.82
C VAL A 153 13.65 0.12 5.51
N LEU A 154 13.44 -1.00 4.83
CA LEU A 154 12.83 -2.19 5.40
C LEU A 154 13.82 -3.10 6.15
N ASN A 155 15.10 -2.76 6.20
CA ASN A 155 16.09 -3.53 6.92
C ASN A 155 15.64 -3.76 8.38
N PRO A 156 15.40 -5.04 8.81
CA PRO A 156 15.01 -5.37 10.21
C PRO A 156 15.81 -4.75 11.33
N MET A 157 17.11 -4.57 11.07
CA MET A 157 18.02 -3.76 11.89
C MET A 157 17.43 -2.48 12.47
N TYR A 158 16.58 -1.76 11.71
CA TYR A 158 16.06 -0.45 12.10
C TYR A 158 14.77 -0.57 12.90
N CYS A 159 14.19 -1.79 12.92
CA CYS A 159 13.00 -2.13 13.69
C CYS A 159 11.73 -1.44 13.23
N LEU A 160 11.73 -0.79 12.05
CA LEU A 160 10.64 0.12 11.70
C LEU A 160 9.38 -0.62 11.28
N PHE A 161 9.52 -1.75 10.59
CA PHE A 161 8.40 -2.42 9.92
C PHE A 161 8.30 -3.88 10.31
N GLU A 162 7.15 -4.47 10.15
CA GLU A 162 7.06 -5.91 10.09
C GLU A 162 6.02 -6.27 9.03
N TYR A 163 5.90 -7.57 8.76
CA TYR A 163 4.87 -8.11 7.88
C TYR A 163 3.82 -8.89 8.68
N ALA A 164 2.58 -8.87 8.20
CA ALA A 164 1.47 -9.60 8.81
C ALA A 164 1.36 -11.05 8.32
N GLY A 165 1.79 -11.40 7.09
CA GLY A 165 1.75 -12.76 6.59
C GLY A 165 3.16 -13.29 6.40
N LYS A 166 3.29 -14.55 5.95
CA LYS A 166 4.56 -15.17 5.56
C LYS A 166 5.13 -14.42 4.38
N ASN A 167 6.43 -14.61 4.13
CA ASN A 167 7.14 -13.87 3.09
C ASN A 167 7.14 -12.38 3.48
N ASN A 168 7.05 -11.52 2.46
CA ASN A 168 6.94 -10.09 2.65
C ASN A 168 5.48 -9.69 2.47
N TYR A 169 4.54 -10.35 3.20
CA TYR A 169 3.11 -10.16 2.96
C TYR A 169 2.60 -9.15 3.98
N CYS A 170 2.01 -8.05 3.47
CA CYS A 170 1.28 -7.05 4.24
C CYS A 170 2.19 -6.28 5.19
N LEU A 171 2.93 -5.33 4.61
CA LEU A 171 3.84 -4.49 5.35
C LEU A 171 3.02 -3.61 6.29
N GLN A 172 3.51 -3.46 7.54
CA GLN A 172 2.94 -2.55 8.52
C GLN A 172 4.03 -1.99 9.43
N ILE A 173 3.77 -0.83 10.05
CA ILE A 173 4.69 -0.28 11.04
C ILE A 173 4.75 -1.27 12.21
N ASN A 174 5.98 -1.51 12.68
CA ASN A 174 6.24 -2.32 13.86
C ASN A 174 5.82 -1.53 15.11
N PRO A 175 4.85 -2.04 15.89
CA PRO A 175 4.52 -1.40 17.16
C PRO A 175 5.61 -1.35 18.23
N ALA A 176 6.62 -2.24 18.15
CA ALA A 176 7.80 -2.26 18.99
C ALA A 176 8.97 -1.51 18.32
N SER A 177 8.68 -0.53 17.44
CA SER A 177 9.71 0.21 16.73
C SER A 177 10.55 1.09 17.65
N SER A 178 9.96 1.59 18.76
CA SER A 178 10.71 2.33 19.78
C SER A 178 11.84 1.55 20.47
N ILE A 179 12.06 0.25 20.15
CA ILE A 179 13.34 -0.42 20.34
C ILE A 179 14.46 0.46 19.78
N ASN A 180 14.32 0.84 18.50
CA ASN A 180 15.15 1.87 17.90
C ASN A 180 14.77 3.19 18.58
N PRO A 181 15.64 3.86 19.38
CA PRO A 181 15.27 5.09 20.08
C PRO A 181 15.16 6.30 19.13
N ASP A 182 15.85 6.25 17.97
CA ASP A 182 15.65 7.23 16.90
C ASP A 182 14.48 6.91 15.97
N HIS A 183 13.51 6.06 16.35
CA HIS A 183 12.56 5.55 15.37
C HIS A 183 11.66 6.64 14.78
N LEU A 184 11.32 7.68 15.56
CA LEU A 184 10.41 8.69 15.09
C LEU A 184 11.08 9.59 14.03
N THR A 185 12.35 9.95 14.23
CA THR A 185 13.14 10.68 13.24
C THR A 185 13.35 9.86 11.97
N TYR A 186 13.48 8.53 12.09
CA TYR A 186 13.52 7.66 10.92
C TYR A 186 12.17 7.69 10.20
N PHE A 187 11.06 7.64 10.91
CA PHE A 187 9.74 7.77 10.28
C PHE A 187 9.59 9.12 9.60
N ARG A 188 10.18 10.21 10.15
CA ARG A 188 10.13 11.53 9.53
C ARG A 188 10.87 11.56 8.20
N PHE A 189 12.09 11.03 8.15
CA PHE A 189 12.88 10.87 6.94
C PHE A 189 12.15 10.07 5.87
N ILE A 190 11.58 8.90 6.25
CA ILE A 190 10.76 8.10 5.35
C ILE A 190 9.64 8.94 4.73
N GLY A 191 8.97 9.79 5.56
CA GLY A 191 7.95 10.75 5.11
C GLY A 191 8.46 11.74 4.06
N ARG A 192 9.59 12.38 4.36
CA ARG A 192 10.27 13.24 3.38
C ARG A 192 10.62 12.51 2.08
N PHE A 193 11.18 11.29 2.20
CA PHE A 193 11.64 10.54 1.03
C PHE A 193 10.48 10.15 0.10
N ILE A 194 9.36 9.67 0.68
CA ILE A 194 8.17 9.34 -0.08
C ILE A 194 7.60 10.59 -0.76
N ALA A 195 7.56 11.75 -0.07
CA ALA A 195 7.10 13.01 -0.68
C ALA A 195 8.03 13.42 -1.84
N MET A 196 9.35 13.22 -1.64
CA MET A 196 10.32 13.53 -2.67
C MET A 196 10.08 12.60 -3.85
N ALA A 197 9.69 11.34 -3.62
CA ALA A 197 9.37 10.48 -4.75
C ALA A 197 8.23 11.08 -5.58
N LEU A 198 7.10 11.39 -4.89
CA LEU A 198 5.96 12.00 -5.57
C LEU A 198 6.36 13.33 -6.22
N TYR A 199 7.04 14.19 -5.45
CA TYR A 199 7.41 15.53 -5.89
C TYR A 199 8.20 15.50 -7.20
N HIS A 200 9.09 14.51 -7.42
CA HIS A 200 9.95 14.46 -8.60
C HIS A 200 9.54 13.42 -9.60
N GLY A 201 8.35 12.82 -9.46
CA GLY A 201 7.83 11.83 -10.40
C GLY A 201 8.66 10.54 -10.46
N LYS A 202 9.27 10.10 -9.36
CA LYS A 202 10.03 8.84 -9.28
C LYS A 202 9.29 7.77 -8.46
N PHE A 203 9.52 6.52 -8.85
CA PHE A 203 8.82 5.38 -8.27
C PHE A 203 9.63 4.74 -7.14
N ILE A 204 8.90 4.22 -6.15
CA ILE A 204 9.42 3.49 -5.01
C ILE A 204 8.76 2.13 -4.97
N ASP A 205 9.28 1.26 -4.10
CA ASP A 205 8.89 -0.15 -4.05
C ASP A 205 8.86 -0.70 -2.63
N THR A 206 8.52 0.15 -1.65
CA THR A 206 8.62 -0.18 -0.25
C THR A 206 7.52 -1.21 0.05
N GLY A 207 6.34 -1.04 -0.57
CA GLY A 207 5.25 -2.00 -0.48
C GLY A 207 4.20 -1.65 0.56
N PHE A 208 3.95 -0.33 0.78
CA PHE A 208 2.89 0.11 1.67
C PHE A 208 1.52 -0.43 1.20
N THR A 209 0.63 -0.68 2.18
CA THR A 209 -0.71 -1.23 1.89
C THR A 209 -1.69 -0.11 1.58
N LEU A 210 -2.83 -0.52 1.00
CA LEU A 210 -3.89 0.41 0.67
C LEU A 210 -4.40 1.15 1.91
N PRO A 211 -4.66 0.50 3.07
CA PRO A 211 -5.00 1.27 4.27
C PRO A 211 -3.95 2.29 4.71
N PHE A 212 -2.65 2.02 4.50
CA PHE A 212 -1.59 3.00 4.79
C PHE A 212 -1.72 4.23 3.88
N TYR A 213 -2.05 4.02 2.60
CA TYR A 213 -2.35 5.15 1.71
C TYR A 213 -3.59 5.90 2.18
N LYS A 214 -4.61 5.14 2.67
CA LYS A 214 -5.85 5.72 3.14
C LYS A 214 -5.58 6.73 4.24
N ARG A 215 -4.69 6.36 5.18
CA ARG A 215 -4.25 7.28 6.22
C ARG A 215 -3.53 8.51 5.64
N MET A 216 -2.78 8.37 4.54
CA MET A 216 -2.18 9.56 3.92
C MET A 216 -3.24 10.47 3.28
N LEU A 217 -4.44 9.94 2.99
CA LEU A 217 -5.53 10.71 2.40
C LEU A 217 -6.54 11.22 3.45
N ASN A 218 -6.27 11.08 4.77
CA ASN A 218 -7.22 11.29 5.86
C ASN A 218 -8.55 10.51 5.61
N LYS A 219 -8.49 9.30 5.01
CA LYS A 219 -9.65 8.44 4.77
C LYS A 219 -9.65 7.39 5.88
N ARG A 220 -10.86 7.03 6.36
CA ARG A 220 -11.04 6.17 7.53
C ARG A 220 -10.99 4.74 6.99
N PRO A 221 -10.05 3.86 7.40
CA PRO A 221 -10.09 2.48 6.89
C PRO A 221 -11.29 1.71 7.44
N THR A 222 -11.69 0.66 6.71
CA THR A 222 -12.97 0.00 6.87
C THR A 222 -12.79 -1.42 7.40
N LEU A 223 -13.95 -2.00 7.72
CA LEU A 223 -14.05 -3.37 8.11
C LEU A 223 -13.50 -4.25 6.97
N LYS A 224 -13.94 -4.02 5.74
CA LYS A 224 -13.42 -4.75 4.59
C LYS A 224 -11.89 -4.68 4.55
N ASP A 225 -11.33 -3.49 4.78
CA ASP A 225 -9.88 -3.35 4.82
C ASP A 225 -9.19 -4.22 5.84
N LEU A 226 -9.83 -4.54 7.01
CA LEU A 226 -9.25 -5.45 7.99
C LEU A 226 -8.97 -6.81 7.38
N GLU A 227 -9.86 -7.29 6.48
CA GLU A 227 -9.66 -8.54 5.77
C GLU A 227 -8.33 -8.57 5.01
N SER A 228 -7.84 -7.42 4.49
CA SER A 228 -6.57 -7.35 3.78
C SER A 228 -5.38 -7.55 4.73
N ILE A 229 -5.43 -6.94 5.93
CA ILE A 229 -4.32 -6.90 6.87
C ILE A 229 -4.40 -8.01 7.92
N ASP A 230 -5.58 -8.51 8.27
CA ASP A 230 -5.73 -9.39 9.41
C ASP A 230 -7.02 -10.15 9.23
N PRO A 231 -7.07 -11.16 8.33
CA PRO A 231 -8.31 -11.92 8.10
C PRO A 231 -8.92 -12.56 9.35
N GLU A 232 -8.07 -13.08 10.28
CA GLU A 232 -8.53 -13.67 11.54
C GLU A 232 -9.35 -12.63 12.31
N PHE A 233 -8.75 -11.47 12.56
CA PHE A 233 -9.39 -10.39 13.29
C PHE A 233 -10.67 -9.96 12.57
N TYR A 234 -10.61 -9.91 11.22
CA TYR A 234 -11.77 -9.62 10.38
C TYR A 234 -12.88 -10.65 10.62
N ASN A 235 -12.59 -11.96 10.40
CA ASN A 235 -13.54 -13.06 10.52
C ASN A 235 -14.34 -12.98 11.85
N SER A 236 -13.71 -12.53 12.96
CA SER A 236 -14.35 -12.43 14.25
C SER A 236 -15.26 -11.21 14.35
N ILE A 237 -14.74 -10.00 14.05
CA ILE A 237 -15.53 -8.76 14.02
C ILE A 237 -16.81 -8.99 13.20
N VAL A 238 -16.71 -9.72 12.08
CA VAL A 238 -17.88 -10.13 11.29
C VAL A 238 -18.79 -11.08 12.08
N TRP A 239 -18.22 -12.11 12.73
CA TRP A 239 -19.00 -13.02 13.58
C TRP A 239 -19.47 -12.38 14.91
N ILE A 240 -19.09 -11.13 15.24
CA ILE A 240 -19.77 -10.28 16.23
C ILE A 240 -21.02 -9.69 15.55
N LYS A 241 -20.87 -9.07 14.37
CA LYS A 241 -21.98 -8.38 13.72
C LYS A 241 -22.98 -9.33 13.07
N GLU A 242 -22.54 -10.55 12.69
CA GLU A 242 -23.41 -11.63 12.26
C GLU A 242 -24.24 -12.12 13.45
N ASN A 243 -23.56 -12.59 14.52
CA ASN A 243 -24.20 -13.23 15.67
C ASN A 243 -24.96 -12.20 16.51
N ASN A 244 -26.05 -12.64 17.16
CA ASN A 244 -27.01 -11.77 17.84
C ASN A 244 -26.54 -11.26 19.21
N LEU A 245 -25.43 -11.78 19.78
CA LEU A 245 -24.93 -11.48 21.12
C LEU A 245 -25.72 -12.29 22.17
N GLU A 246 -25.05 -12.59 23.30
CA GLU A 246 -25.60 -13.33 24.43
C GLU A 246 -25.71 -14.80 24.03
N GLU A 247 -26.60 -15.12 23.06
CA GLU A 247 -26.63 -16.43 22.41
C GLU A 247 -25.21 -16.70 21.90
N CYS A 248 -24.58 -17.75 22.47
CA CYS A 248 -23.17 -18.09 22.35
C CYS A 248 -22.28 -17.15 23.21
N GLY A 249 -22.77 -16.59 24.33
CA GLY A 249 -22.01 -15.73 25.24
C GLY A 249 -21.71 -14.34 24.66
N LEU A 250 -21.13 -13.44 25.46
CA LEU A 250 -20.57 -12.18 24.96
C LEU A 250 -19.32 -11.81 25.78
N GLU A 251 -19.46 -11.30 27.02
CA GLU A 251 -18.38 -11.13 28.00
C GLU A 251 -17.27 -10.13 27.62
N LEU A 252 -17.61 -8.93 27.05
CA LEU A 252 -16.64 -7.97 26.48
C LEU A 252 -16.75 -6.60 27.16
N TYR A 253 -15.64 -5.84 27.22
CA TYR A 253 -15.64 -4.41 27.53
C TYR A 253 -15.14 -3.57 26.33
N PHE A 254 -15.29 -2.23 26.43
CA PHE A 254 -14.64 -1.23 25.58
C PHE A 254 -13.19 -1.10 25.99
N ILE A 255 -12.45 -2.19 25.80
CA ILE A 255 -11.02 -2.25 26.01
C ILE A 255 -10.50 -3.25 24.98
N GLN A 256 -9.18 -3.16 24.75
CA GLN A 256 -8.44 -4.17 24.02
C GLN A 256 -7.02 -4.18 24.60
N ASP A 257 -6.41 -5.37 24.67
CA ASP A 257 -5.01 -5.56 25.06
C ASP A 257 -4.09 -5.45 23.83
N MET A 258 -2.84 -5.04 24.09
CA MET A 258 -1.73 -5.15 23.16
C MET A 258 -0.50 -5.62 23.94
N GLU A 259 0.50 -6.19 23.23
CA GLU A 259 1.74 -6.73 23.83
C GLU A 259 2.99 -6.08 23.24
N ILE A 260 3.18 -4.75 23.41
CA ILE A 260 4.37 -4.04 22.90
C ILE A 260 5.58 -4.38 23.78
N LEU A 261 6.55 -5.16 23.21
CA LEU A 261 7.78 -5.62 23.85
C LEU A 261 7.50 -6.05 25.29
N GLY A 262 6.69 -7.13 25.45
CA GLY A 262 6.28 -7.67 26.74
C GLY A 262 5.01 -7.02 27.28
N LYS A 263 5.16 -5.77 27.83
CA LYS A 263 4.20 -5.03 28.67
C LYS A 263 2.77 -5.17 28.13
N VAL A 264 2.00 -6.16 28.67
CA VAL A 264 0.66 -6.49 28.19
C VAL A 264 -0.25 -5.32 28.57
N THR A 265 -0.11 -4.24 27.78
CA THR A 265 -0.76 -2.97 28.00
C THR A 265 -2.19 -3.15 27.53
N THR A 266 -3.15 -3.04 28.47
CA THR A 266 -4.55 -2.89 28.12
C THR A 266 -4.74 -1.45 27.67
N HIS A 267 -5.68 -1.25 26.73
CA HIS A 267 -5.93 0.02 26.06
C HIS A 267 -7.42 0.25 26.12
N GLU A 268 -7.78 1.46 26.53
CA GLU A 268 -9.17 1.83 26.67
C GLU A 268 -9.60 2.11 25.22
N LEU A 269 -10.78 1.62 24.83
CA LEU A 269 -11.44 2.02 23.60
C LEU A 269 -12.06 3.40 23.78
N LYS A 270 -12.65 3.67 24.97
CA LYS A 270 -13.11 4.99 25.43
C LYS A 270 -12.31 5.45 26.66
N GLU A 271 -12.48 6.73 27.05
CA GLU A 271 -11.95 7.24 28.31
C GLU A 271 -12.72 6.60 29.49
N GLY A 272 -11.97 6.11 30.50
CA GLY A 272 -12.44 5.23 31.55
C GLY A 272 -13.04 3.89 31.05
N GLY A 273 -12.45 3.31 29.98
CA GLY A 273 -12.99 2.19 29.23
C GLY A 273 -13.13 0.87 30.00
N GLU A 274 -12.14 0.59 30.90
CA GLU A 274 -12.07 -0.55 31.81
C GLU A 274 -13.44 -0.93 32.39
N SER A 275 -14.23 0.08 32.87
CA SER A 275 -15.63 -0.06 33.30
C SER A 275 -16.65 -0.09 32.16
N ILE A 276 -16.42 0.76 31.13
CA ILE A 276 -17.28 0.88 29.95
C ILE A 276 -17.40 -0.53 29.35
N ARG A 277 -18.56 -1.18 29.65
CA ARG A 277 -18.87 -2.58 29.38
C ARG A 277 -19.71 -2.68 28.11
N VAL A 278 -19.43 -3.69 27.25
CA VAL A 278 -20.00 -3.84 25.90
C VAL A 278 -21.34 -4.59 25.97
N THR A 279 -22.41 -3.95 25.45
CA THR A 279 -23.74 -4.56 25.23
C THR A 279 -23.97 -4.86 23.74
N GLU A 280 -25.12 -5.48 23.44
CA GLU A 280 -25.73 -5.58 22.11
C GLU A 280 -26.13 -4.21 21.56
N GLU A 281 -26.66 -3.33 22.42
CA GLU A 281 -26.94 -1.93 22.05
C GLU A 281 -25.67 -1.17 21.66
N ASN A 282 -24.49 -1.54 22.22
CA ASN A 282 -23.22 -0.86 22.03
C ASN A 282 -22.33 -1.52 20.96
N LYS A 283 -22.89 -2.24 19.99
CA LYS A 283 -22.16 -3.23 19.21
C LYS A 283 -21.61 -2.67 17.90
N GLU A 284 -22.39 -1.84 17.21
CA GLU A 284 -21.93 -1.19 15.99
C GLU A 284 -20.87 -0.15 16.38
N GLU A 285 -21.07 0.58 17.47
CA GLU A 285 -20.07 1.47 18.06
C GLU A 285 -18.78 0.73 18.40
N TYR A 286 -18.95 -0.46 19.01
CA TYR A 286 -17.87 -1.35 19.36
C TYR A 286 -17.00 -1.65 18.13
N ILE A 287 -17.65 -2.13 17.08
CA ILE A 287 -17.04 -2.53 15.82
C ILE A 287 -16.29 -1.35 15.19
N MET A 288 -16.90 -0.14 15.15
CA MET A 288 -16.27 1.08 14.65
C MET A 288 -15.03 1.42 15.46
N LEU A 289 -15.14 1.44 16.79
CA LEU A 289 -13.98 1.72 17.63
C LEU A 289 -12.88 0.65 17.48
N LEU A 290 -13.29 -0.60 17.25
CA LEU A 290 -12.34 -1.69 17.26
C LEU A 290 -11.66 -1.78 15.89
N THR A 291 -12.43 -1.62 14.80
CA THR A 291 -11.91 -1.39 13.46
C THR A 291 -10.82 -0.32 13.51
N ASP A 292 -11.14 0.86 14.08
CA ASP A 292 -10.25 1.99 14.18
C ASP A 292 -9.03 1.60 15.01
N TRP A 293 -9.25 0.96 16.17
CA TRP A 293 -8.18 0.48 17.06
C TRP A 293 -7.15 -0.36 16.31
N ARG A 294 -7.60 -1.39 15.59
CA ARG A 294 -6.68 -2.33 14.97
C ARG A 294 -5.73 -1.65 13.97
N PHE A 295 -6.21 -0.69 13.20
CA PHE A 295 -5.33 0.05 12.28
C PHE A 295 -4.37 1.00 13.00
N THR A 296 -4.76 1.62 14.13
CA THR A 296 -3.97 2.66 14.80
C THR A 296 -3.10 2.13 15.97
N ARG A 297 -3.42 0.93 16.51
CA ARG A 297 -2.87 0.49 17.80
C ARG A 297 -1.37 0.33 17.70
N GLY A 298 -0.62 0.98 18.61
CA GLY A 298 0.81 0.79 18.73
C GLY A 298 1.64 1.57 17.70
N VAL A 299 1.01 2.28 16.73
CA VAL A 299 1.74 2.89 15.62
C VAL A 299 1.33 4.35 15.45
N GLU A 300 0.87 5.03 16.52
CA GLU A 300 0.37 6.37 16.37
C GLU A 300 1.48 7.40 16.17
N GLU A 301 2.48 7.48 17.06
CA GLU A 301 3.54 8.47 16.96
C GLU A 301 4.38 8.33 15.67
N GLN A 302 4.57 7.06 15.27
CA GLN A 302 5.33 6.65 14.11
C GLN A 302 4.66 7.16 12.84
N THR A 303 3.34 6.91 12.71
CA THR A 303 2.52 7.39 11.60
C THR A 303 2.44 8.92 11.57
N LYS A 304 2.33 9.58 12.76
CA LYS A 304 2.35 11.03 12.83
C LYS A 304 3.66 11.59 12.28
N ALA A 305 4.78 10.96 12.66
CA ALA A 305 6.10 11.42 12.25
C ALA A 305 6.28 11.21 10.76
N PHE A 306 5.75 10.09 10.23
CA PHE A 306 5.72 9.84 8.80
C PHE A 306 5.00 10.98 8.08
N LEU A 307 3.81 11.35 8.57
CA LEU A 307 2.92 12.28 7.91
C LEU A 307 3.51 13.70 7.95
N ASP A 308 4.12 14.07 9.09
CA ASP A 308 4.80 15.35 9.27
C ASP A 308 6.00 15.51 8.34
N GLY A 309 6.84 14.47 8.24
CA GLY A 309 7.88 14.44 7.23
C GLY A 309 7.36 14.60 5.81
N PHE A 310 6.30 13.84 5.47
CA PHE A 310 5.72 13.92 4.14
C PHE A 310 5.29 15.37 3.91
N ASN A 311 4.56 15.93 4.89
CA ASN A 311 3.76 17.12 4.68
C ASN A 311 4.65 18.37 4.56
N GLU A 312 5.80 18.42 5.22
CA GLU A 312 6.72 19.52 5.06
C GLU A 312 7.40 19.60 3.69
N VAL A 313 7.45 18.50 2.91
CA VAL A 313 8.02 18.50 1.58
C VAL A 313 6.88 18.70 0.59
N ALA A 314 5.84 17.87 0.71
CA ALA A 314 4.72 17.88 -0.22
C ALA A 314 3.44 17.94 0.62
N PRO A 315 2.67 19.06 0.63
CA PRO A 315 1.45 19.11 1.43
C PRO A 315 0.53 17.93 1.14
N LEU A 316 0.07 17.23 2.20
CA LEU A 316 -0.91 16.15 2.04
C LEU A 316 -2.19 16.67 1.37
N GLU A 317 -2.51 17.98 1.56
CA GLU A 317 -3.69 18.56 0.92
C GLU A 317 -3.67 18.45 -0.60
N TRP A 318 -2.47 18.43 -1.24
CA TRP A 318 -2.29 18.19 -2.67
C TRP A 318 -2.75 16.82 -3.17
N LEU A 319 -2.93 15.83 -2.27
CA LEU A 319 -3.39 14.50 -2.62
C LEU A 319 -4.93 14.37 -2.72
N ARG A 320 -5.65 15.48 -2.49
CA ARG A 320 -7.10 15.50 -2.30
C ARG A 320 -7.90 14.81 -3.41
N TYR A 321 -7.47 14.84 -4.67
CA TYR A 321 -8.23 14.13 -5.71
C TYR A 321 -8.05 12.61 -5.70
N PHE A 322 -6.94 12.10 -5.13
CA PHE A 322 -6.55 10.69 -5.29
C PHE A 322 -7.31 9.80 -4.31
N ASP A 323 -7.82 8.65 -4.78
CA ASP A 323 -8.10 7.55 -3.84
C ASP A 323 -6.82 6.79 -3.52
N GLU A 324 -6.92 5.83 -2.60
CA GLU A 324 -5.76 5.09 -2.09
C GLU A 324 -5.06 4.26 -3.17
N LYS A 325 -5.80 3.72 -4.13
CA LYS A 325 -5.30 2.99 -5.28
C LYS A 325 -4.60 3.87 -6.31
N GLU A 326 -5.14 5.06 -6.54
CA GLU A 326 -4.50 6.04 -7.41
C GLU A 326 -3.21 6.51 -6.74
N LEU A 327 -3.24 6.75 -5.41
CA LEU A 327 -2.07 7.18 -4.70
C LEU A 327 -0.99 6.11 -4.83
N GLU A 328 -1.38 4.84 -4.67
CA GLU A 328 -0.44 3.75 -4.81
C GLU A 328 0.23 3.80 -6.18
N LEU A 329 -0.61 3.89 -7.20
CA LEU A 329 -0.14 3.91 -8.56
C LEU A 329 0.77 5.10 -8.86
N MET A 330 0.49 6.28 -8.29
CA MET A 330 1.38 7.42 -8.42
C MET A 330 2.79 7.08 -7.91
N LEU A 331 2.88 6.43 -6.76
CA LEU A 331 4.15 6.14 -6.09
C LEU A 331 4.88 4.93 -6.69
N CYS A 332 4.17 3.92 -7.14
CA CYS A 332 4.75 2.69 -7.63
C CYS A 332 4.97 2.71 -9.13
N GLY A 333 4.19 3.54 -9.84
CA GLY A 333 4.22 3.51 -11.29
C GLY A 333 3.37 2.37 -11.85
N MET A 334 2.93 2.51 -13.09
CA MET A 334 2.13 1.48 -13.72
C MET A 334 3.10 0.51 -14.39
N GLN A 335 2.66 -0.73 -14.53
CA GLN A 335 3.33 -1.69 -15.39
C GLN A 335 2.28 -2.28 -16.33
N GLU A 336 2.75 -2.74 -17.46
CA GLU A 336 1.86 -3.30 -18.46
C GLU A 336 1.44 -4.68 -17.95
N ILE A 337 0.16 -5.01 -18.04
CA ILE A 337 -0.34 -6.29 -17.57
C ILE A 337 -0.42 -7.21 -18.78
N ASP A 338 0.41 -8.26 -18.81
CA ASP A 338 0.27 -9.33 -19.78
C ASP A 338 -0.96 -10.17 -19.44
N MET A 339 -2.05 -9.89 -20.15
CA MET A 339 -3.24 -10.74 -20.31
C MET A 339 -2.99 -12.25 -20.37
N SER A 340 -1.92 -12.71 -21.05
CA SER A 340 -1.69 -14.13 -21.27
C SER A 340 -1.24 -14.83 -20.00
N ASP A 341 -0.18 -14.29 -19.38
CA ASP A 341 0.32 -14.61 -18.05
C ASP A 341 -0.80 -14.61 -17.01
N TRP A 342 -1.64 -13.54 -17.03
CA TRP A 342 -2.76 -13.39 -16.11
C TRP A 342 -3.74 -14.55 -16.25
N GLN A 343 -4.25 -14.72 -17.46
CA GLN A 343 -5.16 -15.80 -17.82
C GLN A 343 -4.51 -17.17 -17.62
N LYS A 344 -3.22 -17.31 -17.95
CA LYS A 344 -2.50 -18.56 -17.77
C LYS A 344 -2.47 -18.97 -16.31
N SER A 345 -2.20 -18.03 -15.39
CA SER A 345 -2.00 -18.32 -13.97
C SER A 345 -3.26 -18.08 -13.12
N THR A 346 -4.44 -17.97 -13.73
CA THR A 346 -5.70 -17.94 -13.01
C THR A 346 -6.12 -19.38 -12.67
N ILE A 347 -6.63 -19.58 -11.44
CA ILE A 347 -7.29 -20.81 -11.00
C ILE A 347 -8.74 -20.47 -10.70
N TYR A 348 -9.60 -21.52 -10.70
CA TYR A 348 -11.05 -21.39 -10.62
C TYR A 348 -11.57 -22.27 -9.49
N ARG A 349 -12.73 -21.85 -8.93
CA ARG A 349 -13.50 -22.57 -7.92
C ARG A 349 -14.95 -22.57 -8.38
N HIS A 350 -15.43 -23.77 -8.80
CA HIS A 350 -16.80 -24.04 -9.25
C HIS A 350 -17.04 -23.62 -10.70
N TYR A 351 -16.35 -22.56 -11.17
CA TYR A 351 -16.09 -22.28 -12.56
C TYR A 351 -14.97 -23.17 -13.12
N THR A 352 -14.99 -23.31 -14.46
CA THR A 352 -13.86 -23.67 -15.29
C THR A 352 -13.49 -22.45 -16.12
N LYS A 353 -12.34 -22.50 -16.77
CA LYS A 353 -11.99 -21.62 -17.88
C LYS A 353 -13.12 -21.48 -18.92
N ASN A 354 -13.83 -22.57 -19.22
CA ASN A 354 -14.85 -22.61 -20.26
C ASN A 354 -16.21 -22.07 -19.82
N SER A 355 -16.41 -21.75 -18.53
CA SER A 355 -17.72 -21.34 -18.03
C SER A 355 -18.15 -19.98 -18.63
N LYS A 356 -19.46 -19.75 -18.71
CA LYS A 356 -20.04 -18.60 -19.40
C LYS A 356 -19.64 -17.27 -18.75
N GLN A 357 -19.66 -17.22 -17.41
CA GLN A 357 -19.29 -16.02 -16.67
C GLN A 357 -17.81 -15.69 -16.83
N ILE A 358 -16.94 -16.73 -16.92
CA ILE A 358 -15.50 -16.57 -17.02
C ILE A 358 -15.11 -16.04 -18.41
N GLN A 359 -15.83 -16.51 -19.44
CA GLN A 359 -15.62 -16.03 -20.80
C GLN A 359 -15.91 -14.54 -20.85
N TRP A 360 -17.07 -14.15 -20.31
CA TRP A 360 -17.44 -12.75 -20.20
C TRP A 360 -16.40 -11.94 -19.41
N PHE A 361 -15.86 -12.50 -18.31
CA PHE A 361 -14.89 -11.81 -17.44
C PHE A 361 -13.69 -11.36 -18.26
N TRP A 362 -13.03 -12.32 -18.89
CA TRP A 362 -11.82 -12.09 -19.65
C TRP A 362 -12.06 -11.25 -20.91
N GLN A 363 -13.28 -11.32 -21.45
CA GLN A 363 -13.67 -10.42 -22.53
C GLN A 363 -13.68 -8.98 -22.02
N VAL A 364 -14.26 -8.73 -20.82
CA VAL A 364 -14.29 -7.40 -20.24
C VAL A 364 -12.86 -6.94 -19.96
N VAL A 365 -12.03 -7.83 -19.41
CA VAL A 365 -10.63 -7.54 -19.18
C VAL A 365 -9.95 -7.24 -20.51
N LYS A 366 -10.24 -8.01 -21.57
CA LYS A 366 -9.59 -7.77 -22.84
C LYS A 366 -9.91 -6.34 -23.33
N GLU A 367 -11.15 -5.87 -23.19
CA GLU A 367 -11.54 -4.51 -23.56
C GLU A 367 -11.05 -3.40 -22.63
N MET A 368 -10.67 -3.69 -21.38
CA MET A 368 -10.09 -2.67 -20.52
C MET A 368 -8.79 -2.17 -21.12
N ASP A 369 -8.55 -0.87 -20.97
CA ASP A 369 -7.20 -0.30 -21.03
C ASP A 369 -6.36 -0.77 -19.85
N ASN A 370 -5.07 -0.51 -19.92
CA ASN A 370 -4.10 -0.96 -18.93
C ASN A 370 -4.41 -0.45 -17.52
N GLU A 371 -4.88 0.78 -17.42
CA GLU A 371 -5.15 1.43 -16.16
C GLU A 371 -6.30 0.78 -15.39
N LYS A 372 -7.38 0.38 -16.11
CA LYS A 372 -8.48 -0.40 -15.57
C LYS A 372 -8.10 -1.86 -15.24
N ARG A 373 -7.20 -2.46 -16.02
CA ARG A 373 -6.55 -3.71 -15.66
C ARG A 373 -5.79 -3.58 -14.34
N ILE A 374 -5.14 -2.45 -14.06
CA ILE A 374 -4.44 -2.24 -12.81
C ILE A 374 -5.44 -2.10 -11.66
N ARG A 375 -6.50 -1.33 -11.91
CA ARG A 375 -7.60 -1.12 -10.99
C ARG A 375 -8.18 -2.47 -10.50
N LEU A 376 -8.37 -3.42 -11.42
CA LEU A 376 -8.90 -4.75 -11.11
C LEU A 376 -7.89 -5.57 -10.30
N LEU A 377 -6.62 -5.52 -10.71
CA LEU A 377 -5.53 -6.10 -9.95
C LEU A 377 -5.54 -5.57 -8.51
N GLN A 378 -5.65 -4.26 -8.32
CA GLN A 378 -5.71 -3.70 -6.97
C GLN A 378 -6.99 -4.15 -6.26
N PHE A 379 -8.13 -4.24 -6.98
CA PHE A 379 -9.36 -4.71 -6.37
C PHE A 379 -9.19 -6.12 -5.76
N VAL A 380 -8.59 -7.05 -6.52
CA VAL A 380 -8.58 -8.45 -6.14
C VAL A 380 -7.42 -8.79 -5.20
N THR A 381 -6.25 -8.18 -5.41
CA THR A 381 -5.03 -8.51 -4.70
C THR A 381 -4.69 -7.48 -3.65
N GLY A 382 -5.30 -6.27 -3.64
CA GLY A 382 -4.87 -5.20 -2.76
C GLY A 382 -3.57 -4.48 -3.14
N THR A 383 -3.05 -4.63 -4.38
CA THR A 383 -1.88 -3.86 -4.81
C THR A 383 -1.80 -3.84 -6.35
N CYS A 384 -1.18 -2.77 -6.88
CA CYS A 384 -0.85 -2.66 -8.30
C CYS A 384 0.45 -3.37 -8.64
N ARG A 385 1.24 -3.77 -7.61
CA ARG A 385 2.56 -4.38 -7.80
C ARG A 385 2.43 -5.85 -8.12
N LEU A 386 3.20 -6.30 -9.14
CA LEU A 386 3.27 -7.67 -9.64
C LEU A 386 4.67 -8.24 -9.37
N PRO A 387 4.84 -9.44 -8.75
CA PRO A 387 6.17 -10.03 -8.54
C PRO A 387 6.90 -10.24 -9.86
N VAL A 388 8.22 -10.42 -9.75
CA VAL A 388 9.12 -10.45 -10.91
C VAL A 388 8.73 -11.53 -11.92
N GLY A 389 8.33 -12.73 -11.47
CA GLY A 389 7.89 -13.78 -12.39
C GLY A 389 6.50 -13.56 -13.02
N GLY A 390 5.75 -12.50 -12.61
CA GLY A 390 4.37 -12.32 -13.01
C GLY A 390 3.41 -13.18 -12.19
N PHE A 391 2.28 -13.51 -12.80
CA PHE A 391 1.11 -14.03 -12.08
C PHE A 391 1.31 -15.38 -11.40
N ALA A 392 2.21 -16.25 -11.89
CA ALA A 392 2.47 -17.53 -11.22
C ALA A 392 3.11 -17.37 -9.84
N GLU A 393 3.77 -16.23 -9.55
CA GLU A 393 4.51 -16.01 -8.30
C GLU A 393 3.71 -15.30 -7.20
N LEU A 394 2.37 -15.22 -7.35
CA LEU A 394 1.57 -14.30 -6.54
C LEU A 394 1.49 -14.83 -5.11
N ILE A 395 1.59 -13.94 -4.11
CA ILE A 395 1.55 -14.29 -2.70
C ILE A 395 0.23 -13.83 -2.12
N GLY A 396 -0.41 -14.70 -1.31
CA GLY A 396 -1.44 -14.27 -0.39
C GLY A 396 -0.91 -14.19 1.04
N SER A 397 -1.79 -14.11 2.05
CA SER A 397 -1.35 -14.12 3.43
C SER A 397 -0.57 -15.40 3.77
N ASN A 398 -1.15 -16.57 3.46
CA ASN A 398 -0.59 -17.88 3.78
C ASN A 398 0.64 -18.28 2.96
N GLY A 399 1.14 -17.45 2.05
CA GLY A 399 2.18 -17.82 1.10
C GLY A 399 1.59 -17.88 -0.32
N PRO A 400 2.20 -18.63 -1.28
CA PRO A 400 1.78 -18.61 -2.67
C PRO A 400 0.28 -18.85 -2.86
N GLN A 401 -0.30 -18.05 -3.75
CA GLN A 401 -1.73 -18.00 -3.92
C GLN A 401 -2.01 -17.30 -5.25
N LYS A 402 -2.42 -18.08 -6.24
CA LYS A 402 -2.68 -17.58 -7.56
C LYS A 402 -3.97 -16.76 -7.60
N PHE A 403 -4.11 -15.92 -8.64
CA PHE A 403 -5.33 -15.16 -8.85
C PHE A 403 -6.47 -16.15 -9.05
N CYS A 404 -7.56 -15.99 -8.29
CA CYS A 404 -8.60 -17.00 -8.20
C CYS A 404 -9.94 -16.35 -8.43
N ILE A 405 -10.81 -17.02 -9.23
CA ILE A 405 -12.17 -16.57 -9.44
C ILE A 405 -13.08 -17.68 -8.90
N ASP A 406 -14.02 -17.30 -8.01
CA ASP A 406 -14.98 -18.20 -7.39
C ASP A 406 -16.41 -17.84 -7.80
N LYS A 407 -17.25 -18.88 -8.03
CA LYS A 407 -18.66 -18.70 -8.31
C LYS A 407 -19.39 -18.52 -6.99
N VAL A 408 -19.56 -17.26 -6.56
CA VAL A 408 -20.08 -16.88 -5.25
C VAL A 408 -20.87 -15.58 -5.40
N GLY A 409 -21.97 -15.47 -4.65
CA GLY A 409 -22.92 -14.37 -4.72
C GLY A 409 -24.19 -14.79 -5.48
N LYS A 410 -25.21 -13.95 -5.34
CA LYS A 410 -26.40 -13.99 -6.18
C LYS A 410 -26.33 -12.79 -7.11
N GLU A 411 -27.02 -12.88 -8.26
CA GLU A 411 -27.09 -11.90 -9.34
C GLU A 411 -27.19 -10.42 -8.95
N THR A 412 -27.99 -10.05 -7.94
CA THR A 412 -28.15 -8.65 -7.53
C THR A 412 -26.96 -8.15 -6.72
N TRP A 413 -26.09 -9.05 -6.20
CA TRP A 413 -24.81 -8.67 -5.59
C TRP A 413 -23.79 -8.14 -6.62
N LEU A 414 -22.90 -7.24 -6.14
CA LEU A 414 -21.67 -6.88 -6.83
C LEU A 414 -20.62 -7.99 -6.67
N PRO A 415 -19.57 -8.07 -7.53
CA PRO A 415 -18.40 -8.89 -7.21
C PRO A 415 -17.64 -8.35 -6.00
N ARG A 416 -17.12 -9.26 -5.19
CA ARG A 416 -16.36 -8.94 -4.00
C ARG A 416 -15.04 -9.68 -4.10
N SER A 417 -14.03 -9.18 -3.35
CA SER A 417 -12.73 -9.83 -3.30
C SER A 417 -12.30 -10.21 -1.88
N HIS A 418 -11.31 -11.10 -1.80
CA HIS A 418 -10.61 -11.45 -0.57
C HIS A 418 -9.13 -11.31 -0.91
N THR A 419 -8.57 -10.11 -0.62
CA THR A 419 -7.22 -9.75 -1.05
C THR A 419 -6.19 -10.71 -0.45
N CYS A 420 -6.43 -11.14 0.82
N CYS A 420 -6.40 -11.19 0.79
CA CYS A 420 -5.74 -12.21 1.53
CA CYS A 420 -5.52 -12.19 1.38
C CYS A 420 -5.54 -13.48 0.68
C CYS A 420 -5.50 -13.52 0.65
N PHE A 421 -6.51 -13.81 -0.19
CA PHE A 421 -6.47 -14.98 -1.07
C PHE A 421 -6.40 -14.65 -2.56
N ASN A 422 -6.17 -13.40 -2.98
CA ASN A 422 -6.14 -13.03 -4.40
C ASN A 422 -7.38 -13.59 -5.12
N ARG A 423 -8.52 -13.43 -4.47
CA ARG A 423 -9.72 -14.16 -4.83
C ARG A 423 -10.80 -13.16 -5.24
N LEU A 424 -11.41 -13.36 -6.40
CA LEU A 424 -12.62 -12.62 -6.79
C LEU A 424 -13.80 -13.58 -6.64
N ASP A 425 -14.81 -13.19 -5.84
CA ASP A 425 -16.11 -13.85 -5.84
C ASP A 425 -16.95 -13.16 -6.91
N LEU A 426 -17.23 -13.89 -7.98
CA LEU A 426 -17.94 -13.38 -9.13
C LEU A 426 -19.32 -14.09 -9.19
N PRO A 427 -20.47 -13.42 -8.86
CA PRO A 427 -21.81 -14.02 -8.96
C PRO A 427 -22.07 -14.69 -10.30
N PRO A 428 -22.80 -15.84 -10.41
CA PRO A 428 -23.18 -16.39 -11.72
C PRO A 428 -24.22 -15.47 -12.35
N TYR A 429 -23.75 -14.36 -12.97
CA TYR A 429 -24.60 -13.40 -13.65
C TYR A 429 -25.16 -14.05 -14.92
N LYS A 430 -26.32 -13.55 -15.43
CA LYS A 430 -27.03 -14.16 -16.56
C LYS A 430 -26.73 -13.52 -17.92
N SER A 431 -25.98 -12.42 -17.98
CA SER A 431 -25.48 -11.89 -19.25
C SER A 431 -24.17 -11.14 -19.08
N TYR A 432 -23.45 -11.02 -20.21
CA TYR A 432 -22.26 -10.21 -20.35
C TYR A 432 -22.43 -8.78 -19.80
N GLU A 433 -23.57 -8.15 -20.04
CA GLU A 433 -23.75 -6.73 -19.74
C GLU A 433 -23.99 -6.56 -18.23
N GLN A 434 -24.72 -7.51 -17.64
CA GLN A 434 -24.90 -7.59 -16.20
C GLN A 434 -23.54 -7.67 -15.50
N LEU A 435 -22.75 -8.71 -15.86
CA LEU A 435 -21.39 -8.89 -15.37
C LEU A 435 -20.54 -7.63 -15.59
N ARG A 436 -20.52 -7.14 -16.84
CA ARG A 436 -19.65 -6.02 -17.20
C ARG A 436 -19.92 -4.84 -16.27
N GLU A 437 -21.19 -4.43 -16.18
CA GLU A 437 -21.58 -3.25 -15.41
C GLU A 437 -21.25 -3.42 -13.92
N LYS A 438 -21.58 -4.59 -13.34
CA LYS A 438 -21.28 -4.94 -11.96
C LYS A 438 -19.78 -4.83 -11.67
N LEU A 439 -18.95 -5.49 -12.49
CA LEU A 439 -17.52 -5.61 -12.26
C LEU A 439 -16.86 -4.23 -12.35
N LEU A 440 -17.20 -3.48 -13.41
CA LEU A 440 -16.70 -2.12 -13.64
C LEU A 440 -17.10 -1.25 -12.45
N TYR A 441 -18.32 -1.44 -11.97
CA TYR A 441 -18.78 -0.68 -10.84
C TYR A 441 -17.97 -1.05 -9.61
N ALA A 442 -17.79 -2.36 -9.33
CA ALA A 442 -17.13 -2.81 -8.10
C ALA A 442 -15.70 -2.24 -8.01
N ILE A 443 -14.97 -2.30 -9.14
CA ILE A 443 -13.57 -1.90 -9.17
C ILE A 443 -13.39 -0.37 -9.11
N GLU A 444 -14.37 0.41 -9.61
CA GLU A 444 -14.26 1.86 -9.63
C GLU A 444 -14.69 2.48 -8.30
N GLU A 445 -15.43 1.76 -7.43
CA GLU A 445 -15.88 2.25 -6.13
C GLU A 445 -14.71 2.66 -5.22
N THR A 446 -14.97 3.62 -4.32
CA THR A 446 -14.04 3.96 -3.25
C THR A 446 -14.76 4.18 -1.90
N GLU A 447 -14.08 3.76 -0.81
CA GLU A 447 -14.59 3.64 0.55
C GLU A 447 -15.88 2.83 0.61
C1 GOL B . -7.52 -20.97 -3.83
O1 GOL B . -7.26 -20.60 -2.47
C2 GOL B . -7.65 -22.47 -3.95
O2 GOL B . -8.74 -22.77 -4.84
C3 GOL B . -6.35 -23.17 -4.32
O3 GOL B . -6.54 -24.44 -4.95
H11 GOL B . -6.78 -20.64 -4.40
H12 GOL B . -8.36 -20.54 -4.12
HO1 GOL B . -7.18 -19.73 -2.46
H2 GOL B . -7.91 -22.82 -3.07
HO2 GOL B . -8.56 -22.42 -5.62
H31 GOL B . -5.82 -23.31 -3.50
H32 GOL B . -5.83 -22.60 -4.93
HO3 GOL B . -5.76 -24.75 -5.10
C1 GOL C . 0.07 -7.19 0.91
O1 GOL C . 1.47 -7.08 0.61
C2 GOL C . -0.78 -6.31 0.04
O2 GOL C . -0.68 -6.77 -1.30
C3 GOL C . -2.25 -6.36 0.42
O3 GOL C . -2.53 -5.70 1.64
H11 GOL C . -0.09 -6.96 1.84
H12 GOL C . -0.20 -8.11 0.78
HO1 GOL C . 1.90 -7.63 1.11
H2 GOL C . -0.47 -5.39 0.10
HO2 GOL C . -0.93 -7.55 -1.33
H31 GOL C . -2.49 -7.29 0.50
H32 GOL C . -2.79 -5.95 -0.31
HO3 GOL C . -3.39 -5.79 1.76
NA NA D . 28.81 4.70 -4.75
#